data_3FUH
#
_entry.id   3FUH
#
_cell.length_a   78.306
_cell.length_b   87.226
_cell.length_c   99.697
_cell.angle_alpha   90.00
_cell.angle_beta   90.00
_cell.angle_gamma   90.00
#
_symmetry.space_group_name_H-M   'P 21 21 21'
#
loop_
_entity.id
_entity.type
_entity.pdbx_description
1 polymer 'Leukotriene A-4 hydrolase'
2 non-polymer 'ZINC ION'
3 non-polymer 'YTTERBIUM (III) ION'
4 non-polymer 1H-indol-5-ol
5 non-polymer '2-(3-AMINO-2-HYDROXY-4-PHENYL-BUTYRYLAMINO)-4-METHYL-PENTANOIC ACID'
6 non-polymer IMIDAZOLE
7 water water
#
_entity_poly.entity_id   1
_entity_poly.type   'polypeptide(L)'
_entity_poly.pdbx_seq_one_letter_code
;MPEIVDTCSLASPASVCRTKHLHLRCSVDFTRRTLTGTAALTVQSQEDNLRSLVLDTKDLTIEKVVINGQEVKYALGERQ
SYKGSPMEISLPIALSKNQEIVIEISFETSPKSSALQWLTPEQTSGKEHPYLFSQCQAIHCRAILPCQDTPSVKLTYTAE
VSVPKELVALMSAIRDGETPDPEDPSRKIYKFIQKVPIPCYLIALVVGALESRQIGPRTLVWSEKEQVEKSAYEFSETES
MLKIAEDLGGPYVWGQYDLLVLPPSFPYGGMENPCLTFVTPTLLAGDKSLSNVIAHEISHSWTGNLVTNKTWDHFWLNEG
HTVYLERHICGRLFGEKFRHFNALGGWGELQNSVKTFGETHPFTKLVVDLTDIDPDVAYSSVPYEKGFALLFYLEQLLGG
PEIFLGFLKAYVEKFSYKSITTDDWKDFLYSYFKDKVDVLNQVDWNAWLYSPGLPPIKPNYDMTLTNACIALSQRWITAK
EDDLNSFNATDLKDLSSHQLNEFLAQTLQRAPLPLGHIKRMQEVYNFNAINNSEIRFRWLRLCIQSKWEDAIPLALKMAT
EQGRMKFTRPLFKDLAAFDKSHDQAVRTYQEHKASMHPVTAMLVGKDLKVD
;
_entity_poly.pdbx_strand_id   A
#
# COMPACT_ATOMS: atom_id res chain seq x y z
N VAL A 5 -16.03 -15.12 8.24
CA VAL A 5 -16.20 -13.95 9.18
C VAL A 5 -14.97 -13.04 9.20
N ASP A 6 -15.22 -11.73 9.20
CA ASP A 6 -14.12 -10.77 9.12
C ASP A 6 -13.87 -10.22 10.53
N THR A 7 -12.82 -10.73 11.15
CA THR A 7 -12.52 -10.40 12.55
C THR A 7 -11.96 -8.97 12.72
N CYS A 8 -11.76 -8.27 11.61
CA CYS A 8 -11.32 -6.89 11.68
C CYS A 8 -12.51 -5.91 11.66
N SER A 9 -13.71 -6.43 11.42
CA SER A 9 -14.89 -5.57 11.24
C SER A 9 -15.93 -5.83 12.32
N LEU A 10 -16.60 -4.76 12.77
CA LEU A 10 -17.65 -4.87 13.78
C LEU A 10 -19.04 -4.78 13.15
N ALA A 11 -19.07 -4.61 11.82
CA ALA A 11 -20.31 -4.44 11.06
C ALA A 11 -21.06 -5.76 10.83
N SER A 12 -22.34 -5.68 10.46
CA SER A 12 -23.06 -6.89 10.00
C SER A 12 -22.29 -7.48 8.82
N PRO A 13 -22.13 -8.80 8.81
CA PRO A 13 -21.41 -9.45 7.72
C PRO A 13 -22.28 -9.57 6.46
N ALA A 14 -21.64 -9.95 5.36
CA ALA A 14 -22.28 -9.99 4.06
C ALA A 14 -23.42 -11.01 3.98
N SER A 15 -23.40 -11.99 4.88
CA SER A 15 -24.48 -12.98 4.92
C SER A 15 -25.75 -12.40 5.55
N VAL A 16 -25.64 -11.25 6.21
CA VAL A 16 -26.76 -10.60 6.87
C VAL A 16 -27.31 -9.51 5.93
N CYS A 17 -26.43 -8.62 5.48
CA CYS A 17 -26.82 -7.54 4.53
C CYS A 17 -25.59 -7.09 3.76
N ARG A 18 -25.83 -6.44 2.62
CA ARG A 18 -24.76 -6.09 1.69
C ARG A 18 -24.99 -4.70 1.15
N THR A 19 -24.00 -3.83 1.33
CA THR A 19 -24.04 -2.49 0.74
C THR A 19 -23.81 -2.60 -0.78
N LYS A 20 -24.73 -2.06 -1.56
CA LYS A 20 -24.64 -2.07 -3.03
C LYS A 20 -24.06 -0.79 -3.60
N HIS A 21 -24.32 0.33 -2.93
CA HIS A 21 -23.93 1.63 -3.45
C HIS A 21 -23.75 2.60 -2.31
N LEU A 22 -22.80 3.52 -2.50
CA LEU A 22 -22.63 4.67 -1.61
C LEU A 22 -22.78 5.95 -2.41
N HIS A 23 -23.67 6.85 -1.98
CA HIS A 23 -23.61 8.22 -2.47
C HIS A 23 -23.12 9.16 -1.37
N LEU A 24 -21.95 9.75 -1.58
CA LEU A 24 -21.29 10.57 -0.59
C LEU A 24 -21.43 12.04 -1.00
N ARG A 25 -22.07 12.83 -0.16
CA ARG A 25 -22.11 14.29 -0.34
C ARG A 25 -21.41 14.92 0.85
N CYS A 26 -20.28 15.57 0.60
CA CYS A 26 -19.53 16.12 1.71
C CYS A 26 -18.81 17.45 1.40
N SER A 27 -18.35 18.10 2.46
CA SER A 27 -17.64 19.36 2.35
C SER A 27 -16.35 19.24 3.16
N VAL A 28 -15.25 19.71 2.57
CA VAL A 28 -13.95 19.62 3.23
C VAL A 28 -13.65 20.93 3.94
N ASP A 29 -13.58 20.87 5.27
CA ASP A 29 -13.41 22.08 6.06
C ASP A 29 -11.99 22.17 6.62
N PHE A 30 -11.15 22.96 5.96
CA PHE A 30 -9.74 23.04 6.36
C PHE A 30 -9.54 23.79 7.67
N THR A 31 -10.43 24.75 7.94
CA THR A 31 -10.34 25.51 9.18
C THR A 31 -10.53 24.60 10.37
N ARG A 32 -11.43 23.62 10.25
CA ARG A 32 -11.77 22.73 11.36
C ARG A 32 -11.11 21.34 11.22
N ARG A 33 -10.53 21.07 10.05
CA ARG A 33 -9.94 19.76 9.74
C ARG A 33 -10.99 18.64 9.89
N THR A 34 -12.16 18.88 9.30
CA THR A 34 -13.27 17.92 9.32
C THR A 34 -13.83 17.76 7.93
N LEU A 35 -14.36 16.56 7.67
CA LEU A 35 -15.13 16.31 6.49
C LEU A 35 -16.55 16.15 7.02
N THR A 36 -17.50 16.91 6.47
CA THR A 36 -18.88 16.90 6.95
C THR A 36 -19.86 16.59 5.81
N GLY A 37 -20.88 15.80 6.11
CA GLY A 37 -21.88 15.57 5.08
C GLY A 37 -22.72 14.34 5.31
N THR A 38 -23.13 13.72 4.21
CA THR A 38 -24.02 12.57 4.22
C THR A 38 -23.48 11.41 3.41
N ALA A 39 -23.60 10.24 4.00
CA ALA A 39 -23.30 9.00 3.31
C ALA A 39 -24.62 8.29 3.15
N ALA A 40 -25.09 8.16 1.91
CA ALA A 40 -26.32 7.41 1.62
C ALA A 40 -25.95 6.01 1.12
N LEU A 41 -26.26 5.01 1.93
CA LEU A 41 -25.93 3.62 1.64
C LEU A 41 -27.16 2.89 1.16
N THR A 42 -27.09 2.37 -0.07
CA THR A 42 -28.12 1.47 -0.58
C THR A 42 -27.76 0.09 -0.08
N VAL A 43 -28.61 -0.48 0.78
CA VAL A 43 -28.29 -1.75 1.45
C VAL A 43 -29.32 -2.81 1.10
N GLN A 44 -28.83 -3.98 0.70
CA GLN A 44 -29.69 -5.12 0.36
C GLN A 44 -29.71 -6.17 1.48
N SER A 45 -30.90 -6.49 1.98
CA SER A 45 -31.02 -7.50 3.02
C SER A 45 -30.69 -8.89 2.48
N GLN A 46 -29.98 -9.69 3.27
CA GLN A 46 -29.71 -11.06 2.87
C GLN A 46 -30.47 -12.06 3.73
N GLU A 47 -31.37 -11.55 4.56
CA GLU A 47 -32.13 -12.35 5.52
C GLU A 47 -33.60 -11.97 5.49
N ASP A 48 -34.47 -12.92 5.82
CA ASP A 48 -35.85 -12.61 6.17
C ASP A 48 -35.95 -11.79 7.47
N ASN A 49 -36.94 -10.91 7.50
CA ASN A 49 -37.34 -10.21 8.73
C ASN A 49 -36.19 -9.45 9.38
N LEU A 50 -35.43 -8.73 8.56
CA LEU A 50 -34.27 -7.97 9.05
C LEU A 50 -34.72 -6.64 9.67
N ARG A 51 -34.38 -6.44 10.94
CA ARG A 51 -34.88 -5.26 11.67
C ARG A 51 -33.80 -4.30 12.15
N SER A 52 -32.55 -4.74 12.04
CA SER A 52 -31.45 -3.86 12.39
C SER A 52 -30.18 -4.28 11.68
N LEU A 53 -29.23 -3.37 11.66
CA LEU A 53 -27.92 -3.70 11.14
C LEU A 53 -26.85 -2.88 11.84
N VAL A 54 -25.61 -3.31 11.69
CA VAL A 54 -24.51 -2.67 12.38
C VAL A 54 -23.45 -2.23 11.35
N LEU A 55 -22.92 -1.03 11.56
CA LEU A 55 -21.87 -0.47 10.70
C LEU A 55 -20.60 -0.15 11.50
N ASP A 56 -19.45 -0.18 10.81
CA ASP A 56 -18.20 0.29 11.40
C ASP A 56 -18.12 1.80 11.37
N THR A 57 -17.60 2.36 12.46
CA THR A 57 -17.21 3.76 12.52
C THR A 57 -15.95 3.87 13.36
N LYS A 58 -15.24 4.99 13.24
CA LYS A 58 -14.05 5.29 14.04
C LYS A 58 -13.89 6.80 14.16
N ASP A 59 -14.06 7.31 15.38
CA ASP A 59 -13.97 8.75 15.68
C ASP A 59 -14.89 9.62 14.81
N LEU A 60 -16.09 9.09 14.52
CA LEU A 60 -17.08 9.81 13.74
C LEU A 60 -18.14 10.42 14.65
N THR A 61 -18.59 11.61 14.33
CA THR A 61 -19.69 12.23 15.05
C THR A 61 -20.95 12.08 14.21
N ILE A 62 -21.94 11.38 14.77
CA ILE A 62 -23.17 11.10 14.04
C ILE A 62 -24.21 12.12 14.50
N GLU A 63 -24.77 12.82 13.52
CA GLU A 63 -25.79 13.80 13.79
C GLU A 63 -27.17 13.14 13.76
N LYS A 64 -27.42 12.32 12.73
CA LYS A 64 -28.73 11.70 12.52
C LYS A 64 -28.67 10.62 11.44
N VAL A 65 -29.68 9.76 11.43
CA VAL A 65 -29.83 8.70 10.43
C VAL A 65 -31.24 8.77 9.91
N VAL A 66 -31.37 8.90 8.59
CA VAL A 66 -32.67 9.08 7.96
C VAL A 66 -32.98 7.95 6.98
N ILE A 67 -34.17 7.36 7.14
CA ILE A 67 -34.69 6.33 6.24
C ILE A 67 -36.16 6.68 5.91
N ASN A 68 -36.53 6.62 4.64
CA ASN A 68 -37.89 6.95 4.19
C ASN A 68 -38.30 8.35 4.66
N GLY A 69 -37.36 9.29 4.60
CA GLY A 69 -37.61 10.68 4.97
C GLY A 69 -37.76 10.95 6.46
N GLN A 70 -37.56 9.95 7.31
CA GLN A 70 -37.71 10.13 8.76
C GLN A 70 -36.45 9.72 9.54
N GLU A 71 -36.19 10.43 10.64
CA GLU A 71 -35.11 10.04 11.55
C GLU A 71 -35.40 8.74 12.26
N VAL A 72 -34.38 7.88 12.36
CA VAL A 72 -34.54 6.59 13.00
C VAL A 72 -33.60 6.50 14.18
N LYS A 73 -33.83 5.51 15.04
CA LYS A 73 -32.98 5.27 16.20
C LYS A 73 -31.68 4.57 15.81
N TYR A 74 -30.60 4.98 16.47
CA TYR A 74 -29.30 4.35 16.30
C TYR A 74 -28.55 4.43 17.61
N ALA A 75 -27.54 3.60 17.78
CA ALA A 75 -26.75 3.59 18.99
C ALA A 75 -25.29 3.31 18.65
N LEU A 76 -24.38 4.05 19.29
CA LEU A 76 -22.95 3.82 19.14
C LEU A 76 -22.45 3.00 20.31
N GLY A 77 -21.85 1.85 20.02
CA GLY A 77 -21.33 0.97 21.05
C GLY A 77 -20.01 1.53 21.55
N GLU A 78 -19.47 0.88 22.58
CA GLU A 78 -18.21 1.28 23.18
C GLU A 78 -17.06 1.04 22.21
N ARG A 79 -16.06 1.92 22.25
CA ARG A 79 -14.92 1.82 21.37
C ARG A 79 -14.16 0.52 21.59
N GLN A 80 -13.76 -0.13 20.51
CA GLN A 80 -12.97 -1.34 20.61
C GLN A 80 -11.59 -1.09 19.99
N SER A 81 -10.82 -0.25 20.67
CA SER A 81 -9.46 0.08 20.27
C SER A 81 -9.39 0.55 18.80
N TYR A 82 -8.47 -0.04 18.03
CA TYR A 82 -8.24 0.33 16.63
C TYR A 82 -9.41 -0.04 15.69
N LYS A 83 -10.32 -0.91 16.14
CA LYS A 83 -11.51 -1.26 15.34
C LYS A 83 -12.59 -0.19 15.36
N GLY A 84 -12.49 0.77 16.29
CA GLY A 84 -13.47 1.85 16.41
C GLY A 84 -14.73 1.43 17.19
N SER A 85 -15.86 2.04 16.86
CA SER A 85 -17.11 1.80 17.57
C SER A 85 -18.22 1.29 16.63
N PRO A 86 -18.90 0.18 17.00
CA PRO A 86 -20.01 -0.27 16.16
C PRO A 86 -21.23 0.65 16.26
N MET A 87 -21.88 0.83 15.12
CA MET A 87 -23.07 1.67 15.03
C MET A 87 -24.28 0.80 14.65
N GLU A 88 -25.20 0.60 15.60
CA GLU A 88 -26.41 -0.19 15.34
C GLU A 88 -27.53 0.75 14.88
N ILE A 89 -28.20 0.40 13.79
CA ILE A 89 -29.31 1.21 13.28
C ILE A 89 -30.58 0.36 13.31
N SER A 90 -31.65 0.93 13.87
CA SER A 90 -32.95 0.28 13.96
C SER A 90 -33.77 0.64 12.73
N LEU A 91 -34.05 -0.36 11.91
CA LEU A 91 -34.78 -0.14 10.67
C LEU A 91 -36.26 0.11 11.02
N PRO A 92 -36.92 1.03 10.30
CA PRO A 92 -38.30 1.34 10.69
C PRO A 92 -39.32 0.27 10.28
N ILE A 93 -38.98 -0.49 9.23
CA ILE A 93 -39.81 -1.59 8.74
C ILE A 93 -38.90 -2.80 8.48
N ALA A 94 -39.29 -3.96 9.02
CA ALA A 94 -38.59 -5.23 8.74
C ALA A 94 -38.46 -5.55 7.24
N LEU A 95 -37.28 -6.00 6.81
CA LEU A 95 -37.01 -6.27 5.39
C LEU A 95 -37.04 -7.76 5.08
N SER A 96 -37.56 -8.11 3.92
CA SER A 96 -37.50 -9.48 3.46
C SER A 96 -36.18 -9.68 2.70
N LYS A 97 -35.83 -10.94 2.44
CA LYS A 97 -34.60 -11.23 1.70
C LYS A 97 -34.56 -10.56 0.33
N ASN A 98 -33.42 -9.93 0.05
CA ASN A 98 -33.15 -9.22 -1.21
C ASN A 98 -33.80 -7.85 -1.34
N GLN A 99 -34.58 -7.44 -0.34
CA GLN A 99 -35.15 -6.09 -0.35
C GLN A 99 -34.04 -5.05 -0.18
N GLU A 100 -34.12 -3.96 -0.93
CA GLU A 100 -33.12 -2.89 -0.85
C GLU A 100 -33.72 -1.62 -0.29
N ILE A 101 -33.00 -0.97 0.63
CA ILE A 101 -33.39 0.36 1.12
C ILE A 101 -32.19 1.29 1.14
N VAL A 102 -32.48 2.59 1.29
CA VAL A 102 -31.44 3.61 1.39
C VAL A 102 -31.42 4.25 2.76
N ILE A 103 -30.22 4.25 3.35
CA ILE A 103 -30.00 4.78 4.69
C ILE A 103 -29.07 5.99 4.55
N GLU A 104 -29.54 7.17 4.94
CA GLU A 104 -28.75 8.40 4.84
C GLU A 104 -28.22 8.79 6.22
N ILE A 105 -26.91 8.75 6.39
CA ILE A 105 -26.29 9.08 7.66
C ILE A 105 -25.56 10.42 7.58
N SER A 106 -25.96 11.35 8.46
CA SER A 106 -25.29 12.64 8.60
C SER A 106 -24.16 12.50 9.61
N PHE A 107 -22.96 12.91 9.19
CA PHE A 107 -21.76 12.60 9.99
C PHE A 107 -20.69 13.66 9.81
N GLU A 108 -19.71 13.61 10.70
CA GLU A 108 -18.55 14.49 10.65
C GLU A 108 -17.34 13.69 11.15
N THR A 109 -16.19 13.88 10.50
CA THR A 109 -14.97 13.20 10.91
C THR A 109 -14.27 13.97 12.03
N SER A 110 -13.36 13.29 12.74
CA SER A 110 -12.46 13.95 13.71
C SER A 110 -11.20 14.43 12.99
N PRO A 111 -10.62 15.57 13.43
CA PRO A 111 -9.32 16.00 12.93
C PRO A 111 -8.25 14.94 13.10
N LYS A 112 -8.46 14.00 14.01
CA LYS A 112 -7.52 12.88 14.24
C LYS A 112 -7.84 11.59 13.50
N SER A 113 -8.78 11.65 12.56
CA SER A 113 -9.10 10.51 11.70
C SER A 113 -7.83 9.79 11.25
N SER A 114 -7.73 8.50 11.55
CA SER A 114 -6.56 7.72 11.13
C SER A 114 -6.50 7.49 9.60
N ALA A 115 -7.61 7.80 8.91
CA ALA A 115 -7.66 7.73 7.43
C ALA A 115 -7.02 8.94 6.74
N LEU A 116 -6.87 10.04 7.47
CA LEU A 116 -6.58 11.32 6.85
C LEU A 116 -5.29 11.96 7.34
N GLN A 117 -4.63 12.66 6.42
CA GLN A 117 -3.62 13.64 6.83
C GLN A 117 -3.96 15.03 6.31
N TRP A 118 -4.00 16.00 7.23
CA TRP A 118 -4.28 17.39 6.88
C TRP A 118 -2.96 18.15 6.92
N LEU A 119 -2.59 18.75 5.81
CA LEU A 119 -1.30 19.44 5.71
C LEU A 119 -1.51 20.93 5.70
N THR A 120 -0.72 21.66 6.51
CA THR A 120 -0.67 23.12 6.44
C THR A 120 -0.04 23.54 5.12
N PRO A 121 -0.21 24.83 4.73
CA PRO A 121 0.47 25.28 3.51
C PRO A 121 2.00 25.09 3.52
N GLU A 122 2.60 25.21 4.70
CA GLU A 122 4.06 25.09 4.79
C GLU A 122 4.56 23.65 4.60
N GLN A 123 3.66 22.69 4.79
CA GLN A 123 3.96 21.27 4.56
C GLN A 123 3.81 20.83 3.08
N THR A 124 3.40 21.78 2.23
CA THR A 124 3.21 21.53 0.79
C THR A 124 4.36 22.10 -0.05
N SER A 125 4.32 21.87 -1.36
CA SER A 125 5.32 22.40 -2.28
C SER A 125 5.14 23.90 -2.56
N GLY A 126 3.90 24.31 -2.75
CA GLY A 126 3.57 25.64 -3.16
C GLY A 126 3.57 26.66 -2.06
N LYS A 127 3.36 26.20 -0.84
CA LYS A 127 3.40 27.04 0.33
C LYS A 127 2.29 28.03 0.49
N GLU A 128 1.32 28.03 -0.40
CA GLU A 128 0.19 28.90 -0.24
C GLU A 128 -1.04 28.19 0.31
N HIS A 129 -1.31 27.02 -0.23
CA HIS A 129 -2.55 26.29 0.08
C HIS A 129 -2.35 25.04 0.97
N PRO A 130 -3.38 24.69 1.76
CA PRO A 130 -3.34 23.44 2.52
C PRO A 130 -3.64 22.24 1.58
N TYR A 131 -3.68 21.04 2.12
CA TYR A 131 -3.75 19.82 1.30
C TYR A 131 -4.30 18.72 2.18
N LEU A 132 -5.13 17.86 1.62
CA LEU A 132 -5.65 16.73 2.37
C LEU A 132 -5.57 15.47 1.51
N PHE A 133 -5.15 14.35 2.10
CA PHE A 133 -5.22 13.06 1.39
C PHE A 133 -5.67 11.95 2.32
N SER A 134 -6.35 10.95 1.77
CA SER A 134 -6.77 9.78 2.53
C SER A 134 -5.92 8.55 2.24
N GLN A 135 -6.02 7.58 3.15
CA GLN A 135 -5.43 6.26 2.97
C GLN A 135 -6.32 5.25 3.72
N CYS A 136 -7.20 4.56 3.01
CA CYS A 136 -8.19 3.69 3.68
C CYS A 136 -7.71 2.28 4.00
N GLN A 137 -6.83 1.74 3.16
CA GLN A 137 -6.39 0.36 3.36
C GLN A 137 -5.54 0.31 4.63
N ALA A 138 -5.74 -0.67 5.52
CA ALA A 138 -6.76 -1.74 5.42
C ALA A 138 -8.14 -1.33 5.94
N ILE A 139 -8.18 -0.86 7.19
CA ILE A 139 -9.46 -0.66 7.93
C ILE A 139 -9.65 0.78 8.46
N HIS A 140 -9.35 1.77 7.61
CA HIS A 140 -9.50 3.18 7.96
C HIS A 140 -10.65 3.88 7.25
N CYS A 141 -11.29 3.21 6.30
CA CYS A 141 -12.49 3.81 5.68
C CYS A 141 -13.54 4.19 6.75
N ARG A 142 -13.65 3.36 7.77
CA ARG A 142 -14.55 3.62 8.93
C ARG A 142 -14.24 4.94 9.65
N ALA A 143 -13.01 5.45 9.50
CA ALA A 143 -12.62 6.74 10.07
C ALA A 143 -12.96 7.94 9.17
N ILE A 144 -13.56 7.67 8.01
CA ILE A 144 -14.09 8.72 7.12
C ILE A 144 -15.62 8.72 7.09
N LEU A 145 -16.22 7.52 7.06
CA LEU A 145 -17.68 7.39 6.93
C LEU A 145 -18.19 6.06 7.49
N PRO A 146 -19.46 6.02 7.94
CA PRO A 146 -19.99 4.72 8.37
C PRO A 146 -20.16 3.75 7.20
N CYS A 147 -19.67 2.53 7.36
CA CYS A 147 -19.69 1.50 6.32
C CYS A 147 -19.48 0.11 6.89
N GLN A 148 -19.80 -0.90 6.08
CA GLN A 148 -19.36 -2.26 6.38
C GLN A 148 -17.90 -2.33 5.95
N ASP A 149 -16.98 -2.09 6.90
CA ASP A 149 -15.57 -1.88 6.56
C ASP A 149 -14.80 -3.21 6.45
N THR A 150 -15.13 -3.92 5.38
CA THR A 150 -14.66 -5.29 5.11
C THR A 150 -14.57 -5.48 3.60
N PRO A 151 -13.48 -6.11 3.11
CA PRO A 151 -13.37 -6.29 1.65
C PRO A 151 -14.24 -7.43 1.11
N SER A 152 -15.04 -8.04 2.00
CA SER A 152 -15.99 -9.08 1.61
C SER A 152 -17.26 -8.50 0.95
N VAL A 153 -17.39 -7.18 1.04
CA VAL A 153 -18.53 -6.44 0.49
C VAL A 153 -17.98 -5.50 -0.59
N LYS A 154 -18.63 -5.49 -1.76
CA LYS A 154 -18.28 -4.60 -2.89
C LYS A 154 -19.46 -3.75 -3.33
N LEU A 155 -19.18 -2.49 -3.63
CA LEU A 155 -20.20 -1.48 -3.86
C LEU A 155 -19.71 -0.50 -4.90
N THR A 156 -20.65 0.09 -5.65
CA THR A 156 -20.33 1.20 -6.53
C THR A 156 -20.48 2.47 -5.69
N TYR A 157 -20.01 3.60 -6.20
CA TYR A 157 -20.19 4.86 -5.49
C TYR A 157 -20.25 6.07 -6.42
N THR A 158 -20.94 7.10 -5.92
CA THR A 158 -20.96 8.40 -6.55
C THR A 158 -20.67 9.40 -5.44
N ALA A 159 -20.06 10.53 -5.78
CA ALA A 159 -19.75 11.50 -4.75
C ALA A 159 -19.77 12.92 -5.26
N GLU A 160 -20.11 13.83 -4.36
CA GLU A 160 -20.07 15.27 -4.60
C GLU A 160 -19.30 15.87 -3.44
N VAL A 161 -18.21 16.57 -3.74
CA VAL A 161 -17.27 17.04 -2.74
C VAL A 161 -17.08 18.55 -2.84
N SER A 162 -17.49 19.27 -1.80
CA SER A 162 -17.32 20.73 -1.79
C SER A 162 -15.97 21.11 -1.19
N VAL A 163 -15.24 21.95 -1.91
CA VAL A 163 -13.89 22.37 -1.51
C VAL A 163 -13.69 23.87 -1.80
N PRO A 164 -12.74 24.53 -1.08
CA PRO A 164 -12.44 25.91 -1.46
C PRO A 164 -12.15 25.99 -2.96
N LYS A 165 -12.71 27.00 -3.64
CA LYS A 165 -12.68 27.06 -5.11
C LYS A 165 -11.28 27.11 -5.76
N GLU A 166 -10.28 27.53 -5.02
CA GLU A 166 -8.91 27.55 -5.52
C GLU A 166 -8.26 26.15 -5.59
N LEU A 167 -8.92 25.15 -5.00
CA LEU A 167 -8.35 23.80 -4.84
C LEU A 167 -9.09 22.80 -5.73
N VAL A 168 -8.48 21.61 -5.91
CA VAL A 168 -9.00 20.54 -6.78
C VAL A 168 -9.22 19.29 -5.93
N ALA A 169 -10.37 18.66 -6.11
CA ALA A 169 -10.64 17.36 -5.50
C ALA A 169 -10.49 16.26 -6.54
N LEU A 170 -9.88 15.13 -6.14
CA LEU A 170 -9.86 13.90 -6.97
C LEU A 170 -10.21 12.71 -6.10
N MET A 171 -10.79 11.69 -6.71
CA MET A 171 -11.15 10.47 -6.00
C MET A 171 -10.82 9.24 -6.85
N SER A 172 -10.97 8.07 -6.25
CA SER A 172 -10.75 6.78 -6.92
C SER A 172 -11.96 6.41 -7.78
N ALA A 173 -12.15 7.20 -8.84
CA ALA A 173 -13.39 7.20 -9.63
C ALA A 173 -13.17 8.02 -10.88
N ILE A 174 -14.13 7.98 -11.80
CA ILE A 174 -14.09 8.79 -13.02
C ILE A 174 -14.59 10.20 -12.69
N ARG A 175 -13.86 11.22 -13.16
CA ARG A 175 -14.21 12.60 -12.89
C ARG A 175 -15.49 12.91 -13.64
N ASP A 176 -16.47 13.49 -12.94
CA ASP A 176 -17.79 13.69 -13.51
C ASP A 176 -18.23 15.16 -13.51
N GLY A 177 -17.29 16.09 -13.66
CA GLY A 177 -17.60 17.53 -13.75
C GLY A 177 -17.39 18.34 -12.47
N GLU A 178 -17.46 19.67 -12.61
CA GLU A 178 -17.29 20.60 -11.48
C GLU A 178 -18.24 21.80 -11.63
N THR A 179 -18.69 22.36 -10.50
CA THR A 179 -19.55 23.55 -10.51
C THR A 179 -19.28 24.42 -9.29
N PRO A 180 -19.63 25.73 -9.37
CA PRO A 180 -19.60 26.51 -8.12
C PRO A 180 -20.58 25.91 -7.13
N ASP A 181 -20.29 26.04 -5.84
CA ASP A 181 -21.17 25.56 -4.78
C ASP A 181 -22.31 26.58 -4.53
N PRO A 182 -23.55 26.21 -4.88
CA PRO A 182 -24.75 27.06 -4.71
C PRO A 182 -24.96 27.56 -3.28
N GLU A 183 -24.38 26.87 -2.30
CA GLU A 183 -24.50 27.27 -0.90
C GLU A 183 -23.36 28.18 -0.41
N ASP A 184 -22.29 28.31 -1.21
CA ASP A 184 -21.09 29.05 -0.80
C ASP A 184 -20.21 29.30 -2.02
N PRO A 185 -20.34 30.49 -2.65
CA PRO A 185 -19.60 30.84 -3.88
C PRO A 185 -18.08 30.96 -3.73
N SER A 186 -17.57 30.78 -2.52
CA SER A 186 -16.13 30.66 -2.30
C SER A 186 -15.66 29.20 -2.50
N ARG A 187 -16.61 28.33 -2.88
CA ARG A 187 -16.37 26.88 -2.98
C ARG A 187 -16.76 26.32 -4.33
N LYS A 188 -16.17 25.16 -4.65
CA LYS A 188 -16.51 24.41 -5.85
C LYS A 188 -16.99 23.01 -5.44
N ILE A 189 -17.88 22.42 -6.25
CA ILE A 189 -18.28 21.02 -6.07
C ILE A 189 -17.70 20.16 -7.21
N TYR A 190 -16.95 19.12 -6.83
CA TYR A 190 -16.42 18.17 -7.80
C TYR A 190 -17.25 16.91 -7.69
N LYS A 191 -17.59 16.33 -8.82
CA LYS A 191 -18.44 15.12 -8.89
C LYS A 191 -17.63 13.94 -9.42
N PHE A 192 -18.00 12.73 -8.98
CA PHE A 192 -17.25 11.51 -9.25
C PHE A 192 -18.17 10.31 -9.38
N ILE A 193 -17.80 9.35 -10.24
CA ILE A 193 -18.58 8.12 -10.36
C ILE A 193 -17.67 6.92 -10.50
N GLN A 194 -17.89 5.92 -9.64
CA GLN A 194 -17.20 4.64 -9.76
C GLN A 194 -18.25 3.58 -10.04
N LYS A 195 -18.29 3.14 -11.29
CA LYS A 195 -19.38 2.26 -11.73
C LYS A 195 -19.00 0.77 -11.64
N VAL A 196 -17.74 0.50 -11.27
CA VAL A 196 -17.29 -0.87 -11.01
C VAL A 196 -17.34 -1.14 -9.49
N PRO A 197 -18.04 -2.21 -9.07
CA PRO A 197 -18.15 -2.51 -7.64
C PRO A 197 -16.76 -2.72 -7.02
N ILE A 198 -16.50 -2.03 -5.89
CA ILE A 198 -15.20 -2.10 -5.18
C ILE A 198 -15.37 -2.38 -3.70
N PRO A 199 -14.34 -3.00 -3.07
CA PRO A 199 -14.30 -3.00 -1.60
C PRO A 199 -14.04 -1.58 -1.12
N CYS A 200 -14.60 -1.22 0.05
CA CYS A 200 -14.50 0.16 0.55
C CYS A 200 -13.07 0.65 0.86
N TYR A 201 -12.12 -0.28 1.08
CA TYR A 201 -10.73 0.17 1.31
C TYR A 201 -10.13 0.92 0.12
N LEU A 202 -10.78 0.79 -1.05
CA LEU A 202 -10.35 1.43 -2.29
C LEU A 202 -10.99 2.84 -2.52
N ILE A 203 -11.84 3.26 -1.60
CA ILE A 203 -12.31 4.65 -1.58
C ILE A 203 -11.11 5.58 -1.24
N ALA A 204 -10.90 6.61 -2.05
CA ALA A 204 -9.78 7.59 -1.87
C ALA A 204 -10.20 9.01 -2.25
N LEU A 205 -9.63 9.98 -1.54
CA LEU A 205 -9.91 11.40 -1.75
C LEU A 205 -8.60 12.16 -1.56
N VAL A 206 -8.32 13.08 -2.49
CA VAL A 206 -7.28 14.10 -2.32
C VAL A 206 -7.87 15.48 -2.62
N VAL A 207 -7.49 16.48 -1.83
CA VAL A 207 -7.87 17.87 -2.08
C VAL A 207 -6.64 18.78 -1.94
N GLY A 208 -6.33 19.53 -2.99
CA GLY A 208 -5.15 20.43 -2.94
C GLY A 208 -4.94 21.22 -4.21
N ALA A 209 -3.83 21.96 -4.26
CA ALA A 209 -3.46 22.76 -5.44
C ALA A 209 -2.81 21.90 -6.53
N LEU A 210 -3.64 21.14 -7.22
CA LEU A 210 -3.18 20.09 -8.14
C LEU A 210 -3.26 20.54 -9.58
N GLU A 211 -2.24 20.18 -10.35
CA GLU A 211 -2.25 20.34 -11.81
C GLU A 211 -2.02 18.98 -12.43
N SER A 212 -2.33 18.86 -13.72
CA SER A 212 -2.17 17.59 -14.42
C SER A 212 -1.45 17.75 -15.75
N ARG A 213 -0.81 16.65 -16.15
CA ARG A 213 -0.18 16.53 -17.45
C ARG A 213 -0.46 15.15 -18.03
N GLN A 214 -0.87 15.15 -19.31
CA GLN A 214 -1.13 13.89 -19.99
C GLN A 214 0.19 13.18 -20.33
N ILE A 215 0.27 11.88 -20.07
CA ILE A 215 1.47 11.10 -20.38
C ILE A 215 1.18 9.83 -21.18
N GLY A 216 -0.10 9.60 -21.49
CA GLY A 216 -0.48 8.44 -22.31
C GLY A 216 -1.95 8.56 -22.65
N PRO A 217 -2.48 7.64 -23.49
CA PRO A 217 -3.85 7.74 -24.02
C PRO A 217 -4.94 7.65 -22.93
N ARG A 218 -4.59 7.03 -21.80
CA ARG A 218 -5.53 6.89 -20.68
C ARG A 218 -4.92 7.28 -19.32
N THR A 219 -3.89 8.13 -19.35
CA THR A 219 -3.16 8.49 -18.12
C THR A 219 -2.76 9.94 -18.06
N LEU A 220 -3.26 10.63 -17.02
CA LEU A 220 -2.71 11.90 -16.56
C LEU A 220 -1.92 11.67 -15.28
N VAL A 221 -0.85 12.45 -15.11
CA VAL A 221 -0.18 12.57 -13.83
C VAL A 221 -0.62 13.87 -13.15
N TRP A 222 -0.93 13.74 -11.87
CA TRP A 222 -1.39 14.85 -11.03
C TRP A 222 -0.38 15.07 -9.90
N SER A 223 -0.07 16.35 -9.61
CA SER A 223 0.71 16.74 -8.41
C SER A 223 0.62 18.24 -8.26
N GLU A 224 1.27 18.80 -7.25
CA GLU A 224 1.49 20.23 -7.22
C GLU A 224 2.38 20.62 -8.41
N LYS A 225 2.23 21.87 -8.86
CA LYS A 225 2.91 22.38 -10.04
C LYS A 225 4.41 22.05 -10.06
N GLU A 226 5.08 22.18 -8.91
CA GLU A 226 6.53 22.01 -8.89
C GLU A 226 7.04 20.56 -9.12
N GLN A 227 6.14 19.58 -9.06
CA GLN A 227 6.51 18.17 -9.31
C GLN A 227 6.01 17.62 -10.66
N VAL A 228 5.22 18.40 -11.41
CA VAL A 228 4.58 17.85 -12.59
C VAL A 228 5.56 17.40 -13.69
N GLU A 229 6.50 18.27 -14.05
CA GLU A 229 7.44 17.94 -15.11
C GLU A 229 8.27 16.69 -14.77
N LYS A 230 8.86 16.66 -13.58
CA LYS A 230 9.66 15.49 -13.17
C LYS A 230 8.84 14.19 -13.16
N SER A 231 7.60 14.28 -12.66
CA SER A 231 6.74 13.08 -12.56
C SER A 231 6.34 12.56 -13.93
N ALA A 232 6.04 13.48 -14.85
CA ALA A 232 5.70 13.07 -16.23
C ALA A 232 6.81 12.26 -16.89
N TYR A 233 8.07 12.63 -16.62
CA TYR A 233 9.20 11.87 -17.17
C TYR A 233 9.38 10.55 -16.42
N GLU A 234 9.35 10.62 -15.09
CA GLU A 234 9.63 9.44 -14.27
C GLU A 234 8.70 8.27 -14.58
N PHE A 235 7.45 8.59 -14.88
CA PHE A 235 6.40 7.56 -15.07
C PHE A 235 5.97 7.43 -16.53
N SER A 236 6.84 7.84 -17.46
CA SER A 236 6.53 7.73 -18.88
C SER A 236 6.33 6.29 -19.41
N GLU A 237 6.78 5.27 -18.68
CA GLU A 237 6.56 3.87 -19.09
C GLU A 237 5.14 3.36 -18.81
N THR A 238 4.29 4.20 -18.20
CA THR A 238 3.00 3.73 -17.64
C THR A 238 2.12 3.02 -18.66
N GLU A 239 1.89 3.66 -19.81
CA GLU A 239 1.08 3.04 -20.88
C GLU A 239 1.62 1.70 -21.40
N SER A 240 2.94 1.61 -21.59
CA SER A 240 3.54 0.34 -22.04
C SER A 240 3.34 -0.77 -20.99
N MET A 241 3.38 -0.39 -19.72
CA MET A 241 3.07 -1.30 -18.61
C MET A 241 1.60 -1.74 -18.58
N LEU A 242 0.69 -0.80 -18.80
CA LEU A 242 -0.74 -1.12 -18.89
C LEU A 242 -1.01 -2.14 -20.00
N LYS A 243 -0.36 -1.96 -21.15
CA LYS A 243 -0.54 -2.87 -22.32
C LYS A 243 -0.05 -4.28 -22.01
N ILE A 244 1.10 -4.39 -21.36
CA ILE A 244 1.61 -5.68 -20.93
C ILE A 244 0.68 -6.31 -19.88
N ALA A 245 0.21 -5.49 -18.94
CA ALA A 245 -0.68 -5.99 -17.88
C ALA A 245 -1.99 -6.52 -18.49
N GLU A 246 -2.51 -5.83 -19.50
CA GLU A 246 -3.73 -6.31 -20.21
C GLU A 246 -3.52 -7.65 -20.90
N ASP A 247 -2.34 -7.84 -21.48
CA ASP A 247 -2.00 -9.10 -22.10
C ASP A 247 -1.99 -10.24 -21.08
N LEU A 248 -1.43 -9.98 -19.90
CA LEU A 248 -1.35 -10.95 -18.82
C LEU A 248 -2.69 -11.17 -18.10
N GLY A 249 -3.47 -10.12 -17.93
CA GLY A 249 -4.60 -10.21 -17.01
C GLY A 249 -5.97 -10.24 -17.67
N GLY A 250 -6.02 -9.82 -18.93
CA GLY A 250 -7.29 -9.56 -19.61
C GLY A 250 -7.59 -8.07 -19.63
N PRO A 251 -8.78 -7.69 -20.13
CA PRO A 251 -9.10 -6.28 -20.31
C PRO A 251 -9.00 -5.44 -19.03
N TYR A 252 -8.48 -4.23 -19.18
CA TYR A 252 -8.52 -3.23 -18.13
C TYR A 252 -9.92 -2.60 -18.09
N VAL A 253 -10.64 -2.78 -16.98
CA VAL A 253 -12.08 -2.46 -16.96
C VAL A 253 -12.39 -1.09 -16.36
N TRP A 254 -11.36 -0.38 -15.91
CA TRP A 254 -11.57 0.79 -15.05
C TRP A 254 -11.62 2.14 -15.78
N GLY A 255 -11.44 2.11 -17.10
CA GLY A 255 -11.43 3.32 -17.94
C GLY A 255 -10.08 4.03 -17.88
N GLN A 256 -9.96 4.97 -16.96
CA GLN A 256 -8.76 5.76 -16.80
C GLN A 256 -7.73 5.04 -15.90
N TYR A 257 -6.46 5.29 -16.16
CA TYR A 257 -5.39 5.00 -15.20
C TYR A 257 -4.53 6.23 -14.95
N ASP A 258 -4.96 7.08 -14.02
CA ASP A 258 -4.22 8.28 -13.67
C ASP A 258 -3.27 7.99 -12.51
N LEU A 259 -2.28 8.86 -12.32
CA LEU A 259 -1.32 8.75 -11.24
C LEU A 259 -1.38 10.03 -10.43
N LEU A 260 -1.32 9.92 -9.10
CA LEU A 260 -1.22 11.10 -8.22
C LEU A 260 0.07 11.00 -7.42
N VAL A 261 0.92 12.02 -7.55
CA VAL A 261 2.18 12.04 -6.77
C VAL A 261 1.94 12.90 -5.55
N LEU A 262 1.94 12.26 -4.39
CA LEU A 262 1.60 12.87 -3.11
C LEU A 262 2.74 13.69 -2.52
N PRO A 263 2.45 14.48 -1.46
CA PRO A 263 3.56 15.09 -0.74
C PRO A 263 4.35 14.01 0.03
N PRO A 264 5.53 14.38 0.56
CA PRO A 264 6.50 13.39 1.05
C PRO A 264 6.02 12.51 2.20
N SER A 265 5.01 12.95 2.95
CA SER A 265 4.50 12.20 4.12
C SER A 265 3.57 11.00 3.77
N PHE A 266 3.28 10.81 2.49
CA PHE A 266 2.52 9.62 2.08
C PHE A 266 3.19 8.35 2.66
N PRO A 267 2.43 7.54 3.42
CA PRO A 267 3.10 6.43 4.14
C PRO A 267 3.54 5.23 3.31
N TYR A 268 3.06 5.12 2.07
CA TYR A 268 3.41 3.96 1.21
C TYR A 268 4.16 4.38 -0.05
N GLY A 269 4.78 3.41 -0.73
CA GLY A 269 5.37 3.66 -2.03
C GLY A 269 4.27 3.86 -3.05
N GLY A 270 3.21 3.07 -2.94
CA GLY A 270 2.08 3.16 -3.88
C GLY A 270 0.80 2.63 -3.27
N MET A 271 -0.34 3.04 -3.82
CA MET A 271 -1.63 2.53 -3.36
C MET A 271 -2.57 2.50 -4.57
N GLU A 272 -3.10 1.30 -4.84
CA GLU A 272 -3.82 0.98 -6.09
C GLU A 272 -5.26 1.53 -6.16
N ASN A 273 -5.49 2.73 -5.64
CA ASN A 273 -6.84 3.31 -5.67
C ASN A 273 -7.34 3.27 -7.11
N PRO A 274 -8.54 2.68 -7.35
CA PRO A 274 -8.99 2.51 -8.75
C PRO A 274 -9.16 3.85 -9.50
N CYS A 275 -8.68 3.88 -10.74
CA CYS A 275 -8.65 5.05 -11.63
C CYS A 275 -7.60 6.10 -11.27
N LEU A 276 -6.98 5.96 -10.10
CA LEU A 276 -6.10 6.99 -9.59
C LEU A 276 -5.10 6.39 -8.58
N THR A 277 -4.05 5.77 -9.07
CA THR A 277 -3.01 5.21 -8.19
C THR A 277 -2.28 6.36 -7.49
N PHE A 278 -2.08 6.24 -6.17
CA PHE A 278 -1.33 7.22 -5.37
C PHE A 278 0.12 6.73 -5.24
N VAL A 279 1.11 7.60 -5.48
CA VAL A 279 2.52 7.22 -5.27
C VAL A 279 3.28 8.20 -4.40
N THR A 280 4.32 7.70 -3.74
CA THR A 280 5.29 8.53 -2.99
C THR A 280 6.18 9.38 -3.93
N PRO A 281 6.52 10.63 -3.52
CA PRO A 281 7.45 11.40 -4.33
C PRO A 281 8.88 10.85 -4.23
N THR A 282 9.11 9.90 -3.32
CA THR A 282 10.43 9.26 -3.24
C THR A 282 10.71 8.32 -4.45
N LEU A 283 9.73 8.14 -5.36
CA LEU A 283 9.96 7.46 -6.63
C LEU A 283 10.71 8.31 -7.66
N LEU A 284 10.80 9.62 -7.40
CA LEU A 284 11.32 10.58 -8.39
C LEU A 284 12.85 10.56 -8.43
N ALA A 285 13.39 9.45 -8.92
CA ALA A 285 14.84 9.23 -8.94
C ALA A 285 15.50 9.93 -10.12
N GLY A 286 14.72 10.38 -11.10
CA GLY A 286 15.25 11.04 -12.30
C GLY A 286 15.64 10.14 -13.45
N ASP A 287 15.51 8.83 -13.27
CA ASP A 287 15.93 7.87 -14.28
C ASP A 287 14.96 6.70 -14.52
N LYS A 288 13.76 6.79 -13.93
CA LYS A 288 12.71 5.76 -14.02
C LYS A 288 13.05 4.44 -13.33
N SER A 289 14.10 4.42 -12.50
CA SER A 289 14.61 3.14 -11.98
C SER A 289 13.69 2.51 -10.95
N LEU A 290 12.77 3.28 -10.38
CA LEU A 290 11.84 2.77 -9.34
C LEU A 290 10.43 2.49 -9.90
N SER A 291 10.35 2.32 -11.21
CA SER A 291 9.06 2.15 -11.88
C SER A 291 8.38 0.79 -11.66
N ASN A 292 9.07 -0.15 -11.01
CA ASN A 292 8.43 -1.40 -10.60
C ASN A 292 7.21 -1.13 -9.71
N VAL A 293 7.27 -0.05 -8.94
CA VAL A 293 6.13 0.37 -8.11
C VAL A 293 4.88 0.68 -8.97
N ILE A 294 5.07 1.39 -10.08
CA ILE A 294 3.98 1.62 -11.05
C ILE A 294 3.45 0.28 -11.62
N ALA A 295 4.34 -0.57 -12.13
CA ALA A 295 3.95 -1.91 -12.62
C ALA A 295 3.14 -2.69 -11.57
N HIS A 296 3.56 -2.59 -10.30
CA HIS A 296 2.87 -3.25 -9.20
C HIS A 296 1.45 -2.71 -9.01
N GLU A 297 1.31 -1.40 -8.86
CA GLU A 297 -0.03 -0.86 -8.60
C GLU A 297 -0.96 -1.07 -9.81
N ILE A 298 -0.40 -0.98 -11.02
CA ILE A 298 -1.13 -1.33 -12.24
C ILE A 298 -1.69 -2.74 -12.13
N SER A 299 -0.85 -3.70 -11.72
CA SER A 299 -1.26 -5.11 -11.63
C SER A 299 -2.43 -5.35 -10.66
N HIS A 300 -2.54 -4.57 -9.58
CA HIS A 300 -3.72 -4.66 -8.68
C HIS A 300 -5.07 -4.40 -9.37
N SER A 301 -5.05 -3.76 -10.53
CA SER A 301 -6.27 -3.52 -11.32
C SER A 301 -6.93 -4.87 -11.71
N TRP A 302 -6.17 -5.95 -11.59
CA TRP A 302 -6.69 -7.31 -11.72
C TRP A 302 -6.64 -8.05 -10.36
N THR A 303 -5.43 -8.28 -9.85
CA THR A 303 -5.23 -9.00 -8.60
C THR A 303 -5.31 -8.07 -7.36
N GLY A 304 -6.50 -7.96 -6.78
CA GLY A 304 -6.78 -7.02 -5.68
C GLY A 304 -8.07 -6.26 -5.90
N ASN A 305 -8.14 -5.52 -7.00
CA ASN A 305 -9.29 -4.65 -7.28
C ASN A 305 -10.43 -5.39 -8.02
N LEU A 306 -10.10 -6.43 -8.77
CA LEU A 306 -11.11 -7.27 -9.43
C LEU A 306 -11.37 -8.55 -8.63
N VAL A 307 -10.32 -9.33 -8.41
CA VAL A 307 -10.36 -10.43 -7.46
C VAL A 307 -9.77 -9.88 -6.16
N THR A 308 -10.57 -9.94 -5.09
CA THR A 308 -10.23 -9.28 -3.82
C THR A 308 -10.17 -10.30 -2.71
N ASN A 309 -9.23 -10.12 -1.78
CA ASN A 309 -9.21 -10.95 -0.57
C ASN A 309 -10.48 -10.76 0.27
N LYS A 310 -11.06 -11.86 0.74
CA LYS A 310 -12.35 -11.80 1.44
C LYS A 310 -12.20 -11.20 2.84
N THR A 311 -11.11 -11.55 3.52
CA THR A 311 -10.72 -10.89 4.77
C THR A 311 -9.23 -10.58 4.71
N TRP A 312 -8.75 -9.79 5.66
CA TRP A 312 -7.32 -9.44 5.68
C TRP A 312 -6.41 -10.62 6.07
N ASP A 313 -7.00 -11.69 6.61
CA ASP A 313 -6.23 -12.92 6.87
C ASP A 313 -5.67 -13.46 5.56
N HIS A 314 -6.32 -13.12 4.45
CA HIS A 314 -5.97 -13.66 3.13
C HIS A 314 -5.30 -12.62 2.24
N PHE A 315 -4.78 -11.57 2.88
CA PHE A 315 -4.00 -10.48 2.23
C PHE A 315 -2.96 -10.97 1.21
N TRP A 316 -2.27 -12.08 1.49
CA TRP A 316 -1.28 -12.63 0.55
C TRP A 316 -1.85 -12.83 -0.87
N LEU A 317 -3.14 -13.16 -0.96
CA LEU A 317 -3.77 -13.31 -2.28
C LEU A 317 -3.62 -12.04 -3.11
N ASN A 318 -3.88 -10.89 -2.50
CA ASN A 318 -3.73 -9.58 -3.12
C ASN A 318 -2.27 -9.34 -3.49
N GLU A 319 -1.38 -9.39 -2.50
CA GLU A 319 0.01 -8.94 -2.70
C GLU A 319 0.92 -9.94 -3.41
N GLY A 320 0.81 -11.21 -3.06
CA GLY A 320 1.59 -12.27 -3.74
C GLY A 320 1.35 -12.31 -5.24
N HIS A 321 0.08 -12.39 -5.64
CA HIS A 321 -0.23 -12.41 -7.07
C HIS A 321 0.20 -11.12 -7.79
N THR A 322 0.11 -9.99 -7.08
CA THR A 322 0.45 -8.71 -7.68
C THR A 322 1.96 -8.57 -7.90
N VAL A 323 2.75 -9.03 -6.93
CA VAL A 323 4.22 -9.04 -7.06
C VAL A 323 4.60 -9.98 -8.21
N TYR A 324 3.90 -11.11 -8.28
CA TYR A 324 4.11 -12.05 -9.38
C TYR A 324 3.86 -11.38 -10.73
N LEU A 325 2.75 -10.63 -10.85
CA LEU A 325 2.50 -9.92 -12.11
C LEU A 325 3.48 -8.76 -12.35
N GLU A 326 3.77 -8.00 -11.29
CA GLU A 326 4.75 -6.92 -11.33
C GLU A 326 6.05 -7.38 -11.98
N ARG A 327 6.57 -8.50 -11.46
CA ARG A 327 7.87 -9.00 -11.89
C ARG A 327 7.84 -9.50 -13.32
N HIS A 328 6.68 -10.05 -13.73
CA HIS A 328 6.45 -10.38 -15.14
C HIS A 328 6.45 -9.17 -16.08
N ILE A 329 5.83 -8.06 -15.66
CA ILE A 329 5.84 -6.82 -16.47
C ILE A 329 7.27 -6.32 -16.66
N CYS A 330 8.01 -6.25 -15.56
CA CYS A 330 9.39 -5.81 -15.58
C CYS A 330 10.27 -6.77 -16.38
N GLY A 331 9.98 -8.06 -16.28
CA GLY A 331 10.64 -9.10 -17.09
C GLY A 331 10.43 -8.93 -18.60
N ARG A 332 9.23 -8.54 -18.99
CA ARG A 332 8.94 -8.29 -20.41
C ARG A 332 9.68 -7.03 -20.89
N LEU A 333 9.67 -5.99 -20.07
CA LEU A 333 10.32 -4.73 -20.41
C LEU A 333 11.84 -4.85 -20.49
N PHE A 334 12.43 -5.57 -19.55
CA PHE A 334 13.89 -5.55 -19.36
C PHE A 334 14.58 -6.91 -19.40
N GLY A 335 13.82 -7.97 -19.56
CA GLY A 335 14.38 -9.31 -19.74
C GLY A 335 14.14 -10.28 -18.61
N GLU A 336 14.10 -11.56 -18.95
CA GLU A 336 13.87 -12.63 -17.97
C GLU A 336 14.95 -12.68 -16.87
N LYS A 337 16.19 -12.35 -17.24
CA LYS A 337 17.28 -12.29 -16.25
C LYS A 337 17.01 -11.19 -15.20
N PHE A 338 16.39 -10.11 -15.64
CA PHE A 338 15.98 -9.07 -14.70
C PHE A 338 14.85 -9.54 -13.77
N ARG A 339 13.89 -10.30 -14.30
CA ARG A 339 12.83 -10.88 -13.46
C ARG A 339 13.44 -11.78 -12.39
N HIS A 340 14.40 -12.61 -12.77
CA HIS A 340 15.04 -13.50 -11.81
C HIS A 340 15.83 -12.70 -10.77
N PHE A 341 16.51 -11.63 -11.19
CA PHE A 341 17.24 -10.75 -10.27
C PHE A 341 16.29 -10.19 -9.19
N ASN A 342 15.12 -9.73 -9.62
CA ASN A 342 14.17 -9.14 -8.66
C ASN A 342 13.49 -10.17 -7.79
N ALA A 343 13.29 -11.38 -8.33
CA ALA A 343 12.74 -12.49 -7.55
C ALA A 343 13.72 -12.83 -6.44
N LEU A 344 15.00 -12.93 -6.79
CA LEU A 344 16.03 -13.30 -5.81
C LEU A 344 16.16 -12.23 -4.72
N GLY A 345 16.12 -10.97 -5.15
CA GLY A 345 16.09 -9.83 -4.22
C GLY A 345 14.96 -9.93 -3.20
N GLY A 346 13.77 -10.30 -3.69
CA GLY A 346 12.60 -10.45 -2.82
C GLY A 346 12.74 -11.56 -1.80
N TRP A 347 13.41 -12.65 -2.18
CA TRP A 347 13.72 -13.71 -1.22
C TRP A 347 14.62 -13.17 -0.11
N GLY A 348 15.59 -12.33 -0.49
CA GLY A 348 16.45 -11.62 0.46
C GLY A 348 15.65 -10.79 1.45
N GLU A 349 14.64 -10.09 0.96
CA GLU A 349 13.80 -9.26 1.82
C GLU A 349 12.95 -10.12 2.77
N LEU A 350 12.52 -11.27 2.29
CA LEU A 350 11.81 -12.28 3.12
C LEU A 350 12.73 -12.81 4.22
N GLN A 351 13.98 -13.06 3.87
CA GLN A 351 15.00 -13.43 4.86
C GLN A 351 15.08 -12.39 5.97
N ASN A 352 15.15 -11.12 5.58
CA ASN A 352 15.23 -10.02 6.53
C ASN A 352 14.02 -9.99 7.46
N SER A 353 12.83 -10.11 6.88
CA SER A 353 11.60 -10.03 7.66
C SER A 353 11.51 -11.14 8.69
N VAL A 354 11.82 -12.37 8.27
CA VAL A 354 11.79 -13.55 9.14
C VAL A 354 12.79 -13.38 10.28
N LYS A 355 14.01 -12.91 9.95
CA LYS A 355 15.02 -12.65 10.99
C LYS A 355 14.53 -11.62 12.00
N THR A 356 13.96 -10.52 11.51
CA THR A 356 13.41 -9.48 12.37
C THR A 356 12.33 -9.99 13.34
N PHE A 357 11.30 -10.67 12.83
CA PHE A 357 10.21 -11.18 13.66
C PHE A 357 10.64 -12.37 14.52
N GLY A 358 11.51 -13.20 13.96
CA GLY A 358 11.83 -14.50 14.55
C GLY A 358 11.15 -15.59 13.74
N GLU A 359 11.85 -16.70 13.54
CA GLU A 359 11.42 -17.78 12.65
C GLU A 359 10.14 -18.52 13.05
N THR A 360 9.69 -18.34 14.29
CA THR A 360 8.47 -18.99 14.76
C THR A 360 7.30 -18.01 14.95
N HIS A 361 7.54 -16.71 14.73
CA HIS A 361 6.53 -15.68 14.95
C HIS A 361 5.30 -15.86 14.04
N PRO A 362 4.07 -15.71 14.60
CA PRO A 362 2.84 -15.89 13.80
C PRO A 362 2.71 -14.98 12.55
N PHE A 363 3.40 -13.84 12.54
CA PHE A 363 3.32 -12.90 11.41
C PHE A 363 4.15 -13.35 10.20
N THR A 364 4.95 -14.41 10.37
CA THR A 364 5.69 -15.01 9.26
C THR A 364 4.93 -16.14 8.58
N LYS A 365 3.73 -16.44 9.07
CA LYS A 365 2.80 -17.30 8.34
C LYS A 365 2.22 -16.57 7.12
N LEU A 366 1.98 -17.32 6.05
CA LEU A 366 1.41 -16.77 4.81
C LEU A 366 -0.04 -16.36 5.03
N VAL A 367 -0.81 -17.31 5.57
CA VAL A 367 -2.18 -17.03 6.01
C VAL A 367 -2.11 -16.76 7.49
N VAL A 368 -2.61 -15.59 7.89
CA VAL A 368 -2.53 -15.16 9.28
C VAL A 368 -3.90 -15.15 9.93
N ASP A 369 -3.94 -15.02 11.25
CA ASP A 369 -5.18 -14.86 11.99
C ASP A 369 -5.12 -13.50 12.66
N LEU A 370 -5.86 -12.53 12.11
CA LEU A 370 -5.79 -11.15 12.61
C LEU A 370 -6.76 -10.81 13.74
N THR A 371 -7.36 -11.81 14.38
CA THR A 371 -8.24 -11.57 15.54
C THR A 371 -7.43 -10.82 16.59
N ASP A 372 -7.94 -9.66 16.99
CA ASP A 372 -7.27 -8.82 18.00
C ASP A 372 -5.90 -8.29 17.59
N ILE A 373 -5.61 -8.33 16.29
CA ILE A 373 -4.36 -7.77 15.76
C ILE A 373 -4.71 -6.63 14.80
N ASP A 374 -4.16 -5.44 15.07
CA ASP A 374 -4.23 -4.31 14.16
C ASP A 374 -3.44 -4.61 12.86
N PRO A 375 -4.12 -4.62 11.69
CA PRO A 375 -3.36 -4.86 10.44
C PRO A 375 -2.10 -3.99 10.25
N ASP A 376 -2.12 -2.74 10.73
CA ASP A 376 -0.97 -1.84 10.56
C ASP A 376 0.26 -2.32 11.33
N VAL A 377 0.01 -3.02 12.44
CA VAL A 377 1.09 -3.54 13.30
C VAL A 377 1.66 -4.84 12.71
N ALA A 378 0.79 -5.68 12.16
CA ALA A 378 1.17 -6.95 11.53
C ALA A 378 1.81 -6.80 10.13
N TYR A 379 1.61 -5.66 9.48
CA TYR A 379 2.13 -5.41 8.13
C TYR A 379 3.64 -5.61 7.97
N SER A 380 4.03 -6.32 6.90
CA SER A 380 5.44 -6.63 6.61
C SER A 380 5.58 -7.13 5.18
N SER A 381 6.82 -7.43 4.80
CA SER A 381 7.12 -8.05 3.50
C SER A 381 6.67 -9.51 3.36
N VAL A 382 6.24 -10.15 4.45
CA VAL A 382 5.85 -11.57 4.41
C VAL A 382 4.76 -11.94 3.35
N PRO A 383 3.57 -11.31 3.39
CA PRO A 383 2.55 -11.69 2.38
C PRO A 383 3.01 -11.45 0.97
N TYR A 384 3.82 -10.41 0.77
CA TYR A 384 4.44 -10.08 -0.52
C TYR A 384 5.37 -11.19 -1.00
N GLU A 385 6.36 -11.51 -0.18
CA GLU A 385 7.47 -12.34 -0.64
C GLU A 385 7.30 -13.82 -0.37
N LYS A 386 6.69 -14.18 0.76
CA LYS A 386 6.32 -15.58 0.92
C LYS A 386 5.25 -15.95 -0.12
N GLY A 387 4.34 -15.01 -0.40
CA GLY A 387 3.31 -15.24 -1.45
C GLY A 387 3.91 -15.34 -2.85
N PHE A 388 4.78 -14.40 -3.20
CA PHE A 388 5.46 -14.51 -4.47
C PHE A 388 6.26 -15.83 -4.56
N ALA A 389 7.00 -16.17 -3.50
CA ALA A 389 7.82 -17.40 -3.53
C ALA A 389 7.00 -18.64 -3.81
N LEU A 390 5.81 -18.74 -3.19
CA LEU A 390 4.89 -19.84 -3.48
C LEU A 390 4.50 -19.92 -4.95
N LEU A 391 4.14 -18.77 -5.54
CA LEU A 391 3.72 -18.73 -6.93
C LEU A 391 4.87 -19.05 -7.89
N PHE A 392 6.06 -18.55 -7.56
CA PHE A 392 7.28 -18.80 -8.34
C PHE A 392 7.66 -20.28 -8.26
N TYR A 393 7.58 -20.85 -7.06
CA TYR A 393 7.79 -22.30 -6.86
C TYR A 393 6.77 -23.17 -7.66
N LEU A 394 5.50 -22.78 -7.61
CA LEU A 394 4.46 -23.45 -8.40
C LEU A 394 4.68 -23.28 -9.90
N GLU A 395 5.06 -22.09 -10.34
CA GLU A 395 5.46 -21.88 -11.74
C GLU A 395 6.50 -22.92 -12.22
N GLN A 396 7.55 -23.11 -11.43
CA GLN A 396 8.64 -24.02 -11.80
C GLN A 396 8.23 -25.48 -11.71
N LEU A 397 7.29 -25.77 -10.81
CA LEU A 397 6.78 -27.12 -10.61
C LEU A 397 5.87 -27.53 -11.76
N LEU A 398 5.04 -26.59 -12.21
CA LEU A 398 3.95 -26.89 -13.11
C LEU A 398 4.27 -26.65 -14.58
N GLY A 399 5.51 -26.29 -14.89
CA GLY A 399 5.94 -26.27 -16.28
C GLY A 399 6.39 -24.95 -16.88
N GLY A 400 6.55 -23.91 -16.06
CA GLY A 400 7.16 -22.67 -16.53
C GLY A 400 6.22 -21.46 -16.56
N PRO A 401 6.78 -20.28 -16.87
CA PRO A 401 6.02 -19.02 -16.80
C PRO A 401 4.83 -18.91 -17.75
N GLU A 402 4.91 -19.43 -18.98
CA GLU A 402 3.74 -19.29 -19.84
C GLU A 402 2.57 -20.19 -19.43
N ILE A 403 2.87 -21.39 -18.93
CA ILE A 403 1.84 -22.26 -18.35
C ILE A 403 1.20 -21.61 -17.13
N PHE A 404 2.02 -21.10 -16.21
CA PHE A 404 1.47 -20.54 -14.99
C PHE A 404 0.70 -19.22 -15.23
N LEU A 405 1.14 -18.45 -16.22
CA LEU A 405 0.43 -17.22 -16.60
C LEU A 405 -0.95 -17.52 -17.19
N GLY A 406 -1.07 -18.71 -17.82
CA GLY A 406 -2.36 -19.21 -18.29
C GLY A 406 -3.31 -19.40 -17.12
N PHE A 407 -2.80 -19.99 -16.04
CA PHE A 407 -3.54 -20.07 -14.80
C PHE A 407 -3.95 -18.71 -14.21
N LEU A 408 -2.99 -17.79 -14.14
CA LEU A 408 -3.28 -16.48 -13.55
C LEU A 408 -4.43 -15.78 -14.28
N LYS A 409 -4.39 -15.76 -15.61
CA LYS A 409 -5.45 -15.13 -16.41
C LYS A 409 -6.80 -15.81 -16.18
N ALA A 410 -6.81 -17.14 -16.12
CA ALA A 410 -8.05 -17.88 -15.87
C ALA A 410 -8.59 -17.64 -14.45
N TYR A 411 -7.67 -17.51 -13.50
CA TYR A 411 -7.98 -17.17 -12.12
C TYR A 411 -8.66 -15.81 -11.99
N VAL A 412 -8.10 -14.81 -12.68
CA VAL A 412 -8.69 -13.47 -12.69
C VAL A 412 -10.09 -13.51 -13.32
N GLU A 413 -10.23 -14.16 -14.47
CA GLU A 413 -11.55 -14.27 -15.15
C GLU A 413 -12.59 -14.92 -14.23
N LYS A 414 -12.19 -16.02 -13.59
CA LYS A 414 -13.05 -16.79 -12.70
C LYS A 414 -13.59 -15.97 -11.52
N PHE A 415 -12.73 -15.18 -10.89
CA PHE A 415 -13.12 -14.55 -9.63
C PHE A 415 -13.30 -13.02 -9.71
N SER A 416 -13.35 -12.50 -10.93
CA SER A 416 -13.58 -11.08 -11.15
C SER A 416 -14.85 -10.61 -10.45
N TYR A 417 -14.75 -9.46 -9.78
CA TYR A 417 -15.86 -8.84 -9.06
C TYR A 417 -16.28 -9.61 -7.79
N LYS A 418 -15.44 -10.54 -7.34
CA LYS A 418 -15.74 -11.37 -6.15
C LYS A 418 -14.67 -11.18 -5.10
N SER A 419 -14.97 -11.60 -3.87
CA SER A 419 -14.01 -11.62 -2.77
C SER A 419 -13.78 -13.07 -2.31
N ILE A 420 -12.53 -13.50 -2.23
CA ILE A 420 -12.23 -14.91 -2.07
C ILE A 420 -11.22 -15.22 -0.97
N THR A 421 -11.19 -16.49 -0.54
CA THR A 421 -10.23 -16.99 0.45
C THR A 421 -9.11 -17.82 -0.17
N THR A 422 -8.09 -18.12 0.62
CA THR A 422 -7.04 -19.05 0.22
C THR A 422 -7.60 -20.41 -0.29
N ASP A 423 -8.61 -20.96 0.38
CA ASP A 423 -9.21 -22.22 -0.07
C ASP A 423 -9.85 -22.10 -1.45
N ASP A 424 -10.51 -20.97 -1.74
CA ASP A 424 -11.06 -20.71 -3.07
C ASP A 424 -9.97 -20.72 -4.13
N TRP A 425 -8.87 -20.04 -3.82
CA TRP A 425 -7.71 -20.01 -4.72
C TRP A 425 -7.15 -21.41 -4.98
N LYS A 426 -6.96 -22.18 -3.91
CA LYS A 426 -6.36 -23.51 -3.98
C LYS A 426 -7.26 -24.50 -4.73
N ASP A 427 -8.56 -24.44 -4.44
CA ASP A 427 -9.57 -25.22 -5.16
C ASP A 427 -9.50 -24.96 -6.66
N PHE A 428 -9.42 -23.69 -7.04
CA PHE A 428 -9.32 -23.36 -8.45
C PHE A 428 -7.98 -23.78 -9.06
N LEU A 429 -6.90 -23.65 -8.29
CA LEU A 429 -5.59 -24.14 -8.73
C LEU A 429 -5.68 -25.63 -9.12
N TYR A 430 -6.23 -26.43 -8.22
CA TYR A 430 -6.44 -27.86 -8.45
C TYR A 430 -7.40 -28.15 -9.62
N SER A 431 -8.43 -27.33 -9.78
CA SER A 431 -9.36 -27.48 -10.90
C SER A 431 -8.65 -27.19 -12.22
N TYR A 432 -7.95 -26.06 -12.30
CA TYR A 432 -7.26 -25.66 -13.50
C TYR A 432 -6.16 -26.65 -13.90
N PHE A 433 -5.40 -27.12 -12.92
CA PHE A 433 -4.30 -28.05 -13.17
C PHE A 433 -4.74 -29.48 -12.90
N LYS A 434 -5.97 -29.78 -13.33
CA LYS A 434 -6.61 -31.09 -13.16
C LYS A 434 -5.69 -32.25 -13.54
N ASP A 435 -4.90 -32.06 -14.59
CA ASP A 435 -4.01 -33.11 -15.09
C ASP A 435 -2.65 -33.19 -14.42
N LYS A 436 -2.45 -32.35 -13.40
CA LYS A 436 -1.17 -32.29 -12.70
C LYS A 436 -1.36 -32.38 -11.18
N VAL A 437 -2.46 -33.01 -10.78
CA VAL A 437 -2.88 -33.08 -9.38
C VAL A 437 -1.88 -33.88 -8.52
N ASP A 438 -1.20 -34.83 -9.16
CA ASP A 438 -0.17 -35.63 -8.49
C ASP A 438 1.05 -34.76 -8.16
N VAL A 439 1.44 -33.90 -9.10
CA VAL A 439 2.49 -32.89 -8.88
C VAL A 439 2.09 -31.93 -7.76
N LEU A 440 0.86 -31.43 -7.82
CA LEU A 440 0.32 -30.51 -6.81
C LEU A 440 0.34 -31.13 -5.42
N ASN A 441 0.05 -32.43 -5.34
CA ASN A 441 0.04 -33.13 -4.06
C ASN A 441 1.43 -33.31 -3.44
N GLN A 442 2.47 -32.99 -4.20
CA GLN A 442 3.83 -32.99 -3.67
C GLN A 442 4.14 -31.72 -2.87
N VAL A 443 3.34 -30.67 -3.06
CA VAL A 443 3.51 -29.42 -2.30
C VAL A 443 3.16 -29.63 -0.84
N ASP A 444 4.00 -29.11 0.06
CA ASP A 444 3.72 -29.18 1.49
C ASP A 444 2.81 -28.01 1.84
N TRP A 445 1.51 -28.15 1.52
CA TRP A 445 0.52 -27.07 1.67
C TRP A 445 0.44 -26.51 3.09
N ASN A 446 0.50 -27.40 4.08
CA ASN A 446 0.40 -26.97 5.46
C ASN A 446 1.56 -26.08 5.89
N ALA A 447 2.76 -26.38 5.40
CA ALA A 447 3.95 -25.61 5.72
C ALA A 447 3.89 -24.26 5.01
N TRP A 448 3.72 -24.31 3.68
CA TRP A 448 3.65 -23.11 2.86
C TRP A 448 2.60 -22.11 3.36
N LEU A 449 1.39 -22.60 3.64
CA LEU A 449 0.26 -21.72 4.00
C LEU A 449 0.17 -21.30 5.46
N TYR A 450 0.58 -22.19 6.38
CA TYR A 450 0.21 -22.06 7.80
C TYR A 450 1.34 -22.14 8.83
N SER A 451 2.55 -22.49 8.40
CA SER A 451 3.69 -22.58 9.30
C SER A 451 4.52 -21.30 9.25
N PRO A 452 5.13 -20.91 10.40
CA PRO A 452 6.01 -19.75 10.42
C PRO A 452 7.36 -20.01 9.76
N GLY A 453 8.14 -18.95 9.57
CA GLY A 453 9.51 -19.05 9.07
C GLY A 453 9.65 -19.03 7.57
N LEU A 454 10.89 -19.27 7.10
CA LEU A 454 11.17 -19.35 5.70
C LEU A 454 10.39 -20.53 5.08
N PRO A 455 10.01 -20.43 3.79
CA PRO A 455 9.26 -21.49 3.14
C PRO A 455 10.05 -22.80 3.12
N PRO A 456 9.35 -23.95 3.02
CA PRO A 456 10.05 -25.24 3.08
C PRO A 456 10.97 -25.52 1.89
N ILE A 457 10.77 -24.81 0.79
CA ILE A 457 11.56 -24.98 -0.42
C ILE A 457 11.91 -23.61 -1.00
N LYS A 458 13.16 -23.40 -1.36
CA LYS A 458 13.54 -22.17 -2.06
C LYS A 458 13.48 -22.45 -3.56
N PRO A 459 12.82 -21.56 -4.34
CA PRO A 459 12.81 -21.77 -5.79
C PRO A 459 14.20 -21.68 -6.45
N ASN A 460 14.26 -21.95 -7.74
CA ASN A 460 15.50 -21.85 -8.52
C ASN A 460 15.63 -20.47 -9.16
N TYR A 461 16.75 -19.78 -8.92
CA TYR A 461 16.96 -18.44 -9.48
C TYR A 461 18.18 -18.34 -10.38
N ASP A 462 18.00 -17.82 -11.59
CA ASP A 462 19.13 -17.34 -12.40
C ASP A 462 19.93 -16.33 -11.57
N MET A 463 21.25 -16.53 -11.53
CA MET A 463 22.17 -15.68 -10.75
C MET A 463 22.90 -14.62 -11.56
N THR A 464 22.64 -14.54 -12.87
CA THR A 464 23.50 -13.75 -13.77
C THR A 464 23.77 -12.33 -13.27
N LEU A 465 22.69 -11.56 -13.06
CA LEU A 465 22.80 -10.15 -12.68
C LEU A 465 23.16 -9.94 -11.21
N THR A 466 22.98 -11.00 -10.41
CA THR A 466 23.21 -10.93 -8.97
C THR A 466 24.68 -11.19 -8.62
N ASN A 467 25.35 -12.00 -9.44
CA ASN A 467 26.73 -12.47 -9.13
C ASN A 467 27.72 -11.37 -8.79
N ALA A 468 27.73 -10.29 -9.58
CA ALA A 468 28.60 -9.11 -9.34
C ALA A 468 28.34 -8.37 -8.02
N CYS A 469 27.07 -8.29 -7.64
CA CYS A 469 26.67 -7.70 -6.36
C CYS A 469 27.23 -8.50 -5.19
N ILE A 470 27.05 -9.81 -5.27
CA ILE A 470 27.51 -10.73 -4.22
C ILE A 470 29.04 -10.72 -4.16
N ALA A 471 29.68 -10.78 -5.34
CA ALA A 471 31.15 -10.70 -5.42
C ALA A 471 31.71 -9.45 -4.74
N LEU A 472 31.17 -8.28 -5.07
CA LEU A 472 31.67 -7.03 -4.49
C LEU A 472 31.40 -6.95 -2.99
N SER A 473 30.19 -7.34 -2.56
CA SER A 473 29.84 -7.37 -1.14
C SER A 473 30.81 -8.27 -0.35
N GLN A 474 31.07 -9.47 -0.87
CA GLN A 474 32.04 -10.40 -0.24
C GLN A 474 33.48 -9.86 -0.15
N ARG A 475 33.92 -9.12 -1.17
CA ARG A 475 35.23 -8.44 -1.14
C ARG A 475 35.32 -7.48 0.04
N TRP A 476 34.26 -6.69 0.23
CA TRP A 476 34.23 -5.74 1.33
C TRP A 476 34.18 -6.43 2.70
N ILE A 477 33.32 -7.43 2.82
CA ILE A 477 33.16 -8.14 4.09
C ILE A 477 34.43 -8.87 4.54
N THR A 478 35.13 -9.49 3.58
CA THR A 478 36.38 -10.18 3.88
C THR A 478 37.63 -9.30 3.87
N ALA A 479 37.48 -8.03 3.45
CA ALA A 479 38.63 -7.13 3.41
C ALA A 479 39.18 -6.88 4.82
N LYS A 480 40.51 -6.83 4.95
CA LYS A 480 41.14 -6.25 6.13
C LYS A 480 41.67 -4.86 5.85
N GLU A 481 42.20 -4.18 6.87
CA GLU A 481 42.61 -2.80 6.67
C GLU A 481 43.53 -2.67 5.44
N ASP A 482 44.49 -3.60 5.30
CA ASP A 482 45.48 -3.50 4.21
C ASP A 482 44.90 -3.76 2.80
N ASP A 483 43.61 -4.12 2.76
CA ASP A 483 42.90 -4.37 1.50
C ASP A 483 42.07 -3.17 1.03
N LEU A 484 41.85 -2.22 1.93
CA LEU A 484 40.97 -1.09 1.64
C LEU A 484 41.45 -0.23 0.48
N ASN A 485 42.78 -0.16 0.32
CA ASN A 485 43.41 0.61 -0.74
C ASN A 485 43.02 0.15 -2.14
N SER A 486 42.74 -1.14 -2.30
CA SER A 486 42.42 -1.75 -3.60
C SER A 486 41.05 -1.36 -4.12
N PHE A 487 40.16 -0.91 -3.24
CA PHE A 487 38.84 -0.45 -3.70
C PHE A 487 38.92 0.90 -4.40
N ASN A 488 38.06 1.10 -5.40
CA ASN A 488 38.16 2.22 -6.32
C ASN A 488 36.81 2.48 -7.00
N ALA A 489 36.52 3.74 -7.33
CA ALA A 489 35.30 4.11 -8.06
C ALA A 489 35.01 3.20 -9.25
N THR A 490 36.07 2.68 -9.89
CA THR A 490 35.91 1.75 -11.02
C THR A 490 35.19 0.45 -10.68
N ASP A 491 35.17 0.06 -9.41
CA ASP A 491 34.43 -1.14 -8.99
C ASP A 491 32.95 -1.11 -9.42
N LEU A 492 32.40 0.10 -9.54
CA LEU A 492 30.96 0.32 -9.78
C LEU A 492 30.62 0.47 -11.26
N LYS A 493 31.67 0.54 -12.08
CA LYS A 493 31.64 0.73 -13.54
C LYS A 493 30.47 0.08 -14.25
N ASP A 494 30.32 -1.22 -14.06
CA ASP A 494 29.36 -1.98 -14.85
C ASP A 494 28.11 -2.38 -14.06
N LEU A 495 27.86 -1.69 -12.95
CA LEU A 495 26.67 -1.98 -12.13
C LEU A 495 25.56 -0.97 -12.41
N SER A 496 24.34 -1.46 -12.60
CA SER A 496 23.17 -0.58 -12.72
C SER A 496 22.80 -0.05 -11.33
N SER A 497 21.91 0.95 -11.27
CA SER A 497 21.37 1.38 -9.98
C SER A 497 20.74 0.21 -9.22
N HIS A 498 20.11 -0.71 -9.95
CA HIS A 498 19.51 -1.90 -9.34
C HIS A 498 20.59 -2.77 -8.70
N GLN A 499 21.71 -2.92 -9.40
CA GLN A 499 22.82 -3.71 -8.87
C GLN A 499 23.52 -3.03 -7.68
N LEU A 500 23.61 -1.72 -7.69
CA LEU A 500 24.23 -0.98 -6.59
C LEU A 500 23.37 -1.17 -5.34
N ASN A 501 22.06 -1.10 -5.53
CA ASN A 501 21.11 -1.28 -4.44
C ASN A 501 21.22 -2.70 -3.85
N GLU A 502 21.36 -3.69 -4.72
CA GLU A 502 21.52 -5.07 -4.27
C GLU A 502 22.87 -5.32 -3.56
N PHE A 503 23.95 -4.74 -4.09
CA PHE A 503 25.25 -4.73 -3.39
C PHE A 503 25.07 -4.23 -1.95
N LEU A 504 24.35 -3.13 -1.77
CA LEU A 504 24.13 -2.55 -0.44
C LEU A 504 23.22 -3.42 0.42
N ALA A 505 22.21 -4.04 -0.19
CA ALA A 505 21.31 -4.96 0.53
C ALA A 505 22.08 -6.17 1.05
N GLN A 506 22.94 -6.74 0.20
CA GLN A 506 23.80 -7.87 0.58
C GLN A 506 24.70 -7.50 1.74
N THR A 507 25.29 -6.31 1.66
CA THR A 507 26.24 -5.85 2.66
C THR A 507 25.52 -5.52 3.99
N LEU A 508 24.35 -4.88 3.87
CA LEU A 508 23.55 -4.54 5.05
C LEU A 508 23.15 -5.77 5.86
N GLN A 509 22.93 -6.90 5.17
CA GLN A 509 22.64 -8.17 5.85
C GLN A 509 23.77 -8.65 6.80
N ARG A 510 25.00 -8.21 6.56
CA ARG A 510 26.14 -8.57 7.42
C ARG A 510 26.63 -7.41 8.31
N ALA A 511 25.86 -6.33 8.34
CA ALA A 511 26.17 -5.17 9.20
C ALA A 511 26.12 -5.50 10.71
N PRO A 512 27.00 -4.88 11.53
CA PRO A 512 27.98 -3.83 11.17
C PRO A 512 29.21 -4.34 10.43
N LEU A 513 29.79 -3.45 9.63
CA LEU A 513 31.16 -3.59 9.11
C LEU A 513 32.05 -2.65 9.94
N PRO A 514 33.38 -2.86 9.89
CA PRO A 514 34.25 -1.95 10.60
C PRO A 514 34.05 -0.51 10.12
N LEU A 515 34.16 0.44 11.05
CA LEU A 515 33.97 1.85 10.72
C LEU A 515 34.91 2.31 9.63
N GLY A 516 36.17 1.87 9.70
CA GLY A 516 37.14 2.20 8.64
C GLY A 516 36.71 1.75 7.26
N HIS A 517 36.02 0.60 7.20
CA HIS A 517 35.52 0.09 5.90
C HIS A 517 34.45 1.04 5.33
N ILE A 518 33.51 1.47 6.19
CA ILE A 518 32.43 2.34 5.75
C ILE A 518 32.97 3.71 5.36
N LYS A 519 33.94 4.23 6.12
CA LYS A 519 34.59 5.48 5.75
C LYS A 519 35.25 5.35 4.38
N ARG A 520 35.89 4.20 4.11
CA ARG A 520 36.55 3.98 2.82
C ARG A 520 35.52 3.92 1.70
N MET A 521 34.41 3.24 1.95
CA MET A 521 33.32 3.14 0.97
C MET A 521 32.84 4.54 0.53
N GLN A 522 32.71 5.45 1.48
CA GLN A 522 32.30 6.81 1.12
C GLN A 522 33.41 7.49 0.31
N GLU A 523 34.66 7.24 0.71
CA GLU A 523 35.81 7.88 0.08
C GLU A 523 35.85 7.55 -1.41
N VAL A 524 35.58 6.30 -1.74
CA VAL A 524 35.79 5.84 -3.12
C VAL A 524 34.51 5.75 -3.95
N TYR A 525 33.36 5.53 -3.30
CA TYR A 525 32.11 5.39 -4.04
C TYR A 525 31.18 6.58 -3.93
N ASN A 526 31.47 7.48 -2.99
CA ASN A 526 30.68 8.71 -2.75
C ASN A 526 29.16 8.43 -2.72
N PHE A 527 28.76 7.46 -1.91
CA PHE A 527 27.33 7.12 -1.78
C PHE A 527 26.50 8.26 -1.18
N ASN A 528 27.13 9.14 -0.39
CA ASN A 528 26.45 10.34 0.15
C ASN A 528 25.83 11.19 -0.98
N ALA A 529 26.39 11.10 -2.19
CA ALA A 529 25.95 11.90 -3.33
C ALA A 529 24.71 11.36 -4.03
N ILE A 530 24.37 10.11 -3.79
CA ILE A 530 23.27 9.46 -4.51
C ILE A 530 21.91 9.87 -3.93
N ASN A 531 21.01 10.29 -4.81
CA ASN A 531 19.66 10.75 -4.42
C ASN A 531 18.59 9.67 -4.57
N ASN A 532 18.89 8.61 -5.30
CA ASN A 532 18.00 7.45 -5.39
C ASN A 532 17.58 7.01 -3.98
N SER A 533 16.28 7.05 -3.70
CA SER A 533 15.82 6.86 -2.32
C SER A 533 16.12 5.47 -1.76
N GLU A 534 16.01 4.42 -2.59
CA GLU A 534 16.30 3.05 -2.14
C GLU A 534 17.77 2.88 -1.77
N ILE A 535 18.65 3.35 -2.65
CA ILE A 535 20.09 3.33 -2.40
C ILE A 535 20.46 4.14 -1.16
N ARG A 536 19.96 5.38 -1.08
CA ARG A 536 20.31 6.23 0.05
C ARG A 536 19.87 5.59 1.37
N PHE A 537 18.64 5.06 1.39
CA PHE A 537 18.10 4.36 2.56
C PHE A 537 19.04 3.23 3.07
N ARG A 538 19.43 2.30 2.20
CA ARG A 538 20.28 1.17 2.62
C ARG A 538 21.70 1.60 3.03
N TRP A 539 22.24 2.56 2.30
CA TRP A 539 23.52 3.18 2.65
C TRP A 539 23.46 3.86 4.02
N LEU A 540 22.42 4.66 4.28
CA LEU A 540 22.35 5.29 5.61
C LEU A 540 22.17 4.26 6.72
N ARG A 541 21.36 3.22 6.49
CA ARG A 541 21.24 2.13 7.46
C ARG A 541 22.61 1.47 7.73
N LEU A 542 23.37 1.24 6.67
CA LEU A 542 24.67 0.58 6.81
C LEU A 542 25.60 1.44 7.67
N CYS A 543 25.58 2.74 7.41
CA CYS A 543 26.40 3.71 8.15
C CYS A 543 26.05 3.76 9.65
N ILE A 544 24.76 3.87 9.95
CA ILE A 544 24.29 3.99 11.33
C ILE A 544 24.54 2.70 12.10
N GLN A 545 24.24 1.56 11.49
CA GLN A 545 24.48 0.27 12.14
C GLN A 545 25.98 -0.01 12.32
N SER A 546 26.81 0.62 11.49
CA SER A 546 28.27 0.51 11.62
C SER A 546 28.89 1.62 12.48
N LYS A 547 28.02 2.43 13.10
CA LYS A 547 28.35 3.42 14.14
C LYS A 547 29.13 4.63 13.64
N TRP A 548 28.80 5.08 12.43
CA TRP A 548 29.44 6.28 11.87
C TRP A 548 28.65 7.51 12.28
N GLU A 549 29.23 8.29 13.21
CA GLU A 549 28.56 9.48 13.76
C GLU A 549 28.20 10.53 12.70
N ASP A 550 29.04 10.62 11.67
CA ASP A 550 28.81 11.55 10.55
C ASP A 550 27.45 11.33 9.84
N ALA A 551 26.97 10.09 9.89
CA ALA A 551 25.76 9.74 9.15
C ALA A 551 24.49 10.10 9.94
N ILE A 552 24.66 10.42 11.22
CA ILE A 552 23.53 10.75 12.09
C ILE A 552 22.64 11.86 11.51
N PRO A 553 23.22 13.04 11.17
CA PRO A 553 22.33 14.09 10.65
C PRO A 553 21.65 13.72 9.33
N LEU A 554 22.37 12.98 8.48
CA LEU A 554 21.83 12.52 7.19
C LEU A 554 20.63 11.60 7.40
N ALA A 555 20.77 10.67 8.35
CA ALA A 555 19.70 9.71 8.64
C ALA A 555 18.50 10.41 9.26
N LEU A 556 18.76 11.35 10.16
CA LEU A 556 17.68 12.15 10.77
C LEU A 556 16.88 12.91 9.71
N LYS A 557 17.62 13.56 8.80
CA LYS A 557 17.05 14.37 7.73
C LYS A 557 16.15 13.50 6.81
N MET A 558 16.69 12.37 6.35
CA MET A 558 15.88 11.48 5.50
C MET A 558 14.66 10.91 6.24
N ALA A 559 14.82 10.60 7.53
CA ALA A 559 13.70 10.02 8.30
C ALA A 559 12.52 10.98 8.44
N THR A 560 12.81 12.27 8.44
CA THR A 560 11.81 13.30 8.72
C THR A 560 11.34 14.10 7.50
N GLU A 561 12.20 14.29 6.49
CA GLU A 561 11.84 15.09 5.31
C GLU A 561 10.96 14.34 4.31
N GLN A 562 10.85 13.03 4.52
CA GLN A 562 9.82 12.22 3.84
C GLN A 562 9.26 11.27 4.89
N GLY A 563 8.17 10.57 4.57
CA GLY A 563 7.47 9.75 5.56
C GLY A 563 7.02 8.38 5.05
N ARG A 564 7.60 7.93 3.94
CA ARG A 564 7.35 6.56 3.48
C ARG A 564 7.80 5.62 4.59
N MET A 565 6.87 4.79 5.07
CA MET A 565 7.11 3.97 6.26
C MET A 565 8.26 2.98 6.09
N LYS A 566 8.38 2.45 4.87
CA LYS A 566 9.50 1.58 4.49
C LYS A 566 10.87 2.15 4.88
N PHE A 567 10.99 3.48 4.83
CA PHE A 567 12.27 4.17 5.04
C PHE A 567 12.28 4.80 6.44
N THR A 568 11.20 5.51 6.76
CA THR A 568 11.12 6.25 8.03
C THR A 568 11.20 5.33 9.25
N ARG A 569 10.45 4.25 9.27
CA ARG A 569 10.48 3.34 10.44
C ARG A 569 11.86 2.70 10.74
N PRO A 570 12.50 2.03 9.74
CA PRO A 570 13.82 1.49 10.05
C PRO A 570 14.90 2.55 10.32
N LEU A 571 14.82 3.73 9.69
CA LEU A 571 15.82 4.77 9.99
C LEU A 571 15.72 5.24 11.45
N PHE A 572 14.50 5.55 11.91
CA PHE A 572 14.29 5.89 13.34
C PHE A 572 14.74 4.75 14.26
N LYS A 573 14.41 3.51 13.89
CA LYS A 573 14.76 2.36 14.72
C LYS A 573 16.27 2.16 14.85
N ASP A 574 16.97 2.28 13.71
CA ASP A 574 18.45 2.25 13.70
C ASP A 574 19.06 3.40 14.53
N LEU A 575 18.52 4.60 14.34
CA LEU A 575 18.96 5.76 15.10
C LEU A 575 18.75 5.59 16.61
N ALA A 576 17.65 4.95 17.00
CA ALA A 576 17.35 4.66 18.40
C ALA A 576 18.33 3.64 18.99
N ALA A 577 18.76 2.68 18.17
CA ALA A 577 19.65 1.61 18.60
C ALA A 577 21.12 2.03 18.71
N PHE A 578 21.49 3.13 18.06
CA PHE A 578 22.86 3.69 18.13
C PHE A 578 22.91 4.64 19.32
N ASP A 579 23.74 4.30 20.31
CA ASP A 579 23.76 5.06 21.57
C ASP A 579 24.04 6.55 21.37
N LYS A 580 24.87 6.90 20.38
CA LYS A 580 25.19 8.31 20.10
C LYS A 580 24.03 9.12 19.53
N SER A 581 23.07 8.45 18.87
CA SER A 581 21.94 9.17 18.26
C SER A 581 20.62 8.90 18.96
N HIS A 582 20.61 8.01 19.96
CA HIS A 582 19.37 7.60 20.61
C HIS A 582 18.51 8.78 21.09
N ASP A 583 19.07 9.65 21.92
CA ASP A 583 18.31 10.79 22.45
C ASP A 583 17.81 11.74 21.35
N GLN A 584 18.64 12.01 20.36
CA GLN A 584 18.23 12.79 19.18
C GLN A 584 17.05 12.14 18.45
N ALA A 585 17.13 10.83 18.24
CA ALA A 585 16.04 10.06 17.60
C ALA A 585 14.70 10.25 18.32
N VAL A 586 14.70 10.03 19.63
CA VAL A 586 13.47 10.20 20.40
C VAL A 586 12.96 11.65 20.40
N ARG A 587 13.89 12.60 20.50
CA ARG A 587 13.58 14.03 20.51
C ARG A 587 13.01 14.50 19.16
N THR A 588 13.58 13.99 18.08
CA THR A 588 13.18 14.39 16.75
C THR A 588 11.77 13.87 16.47
N TYR A 589 11.50 12.64 16.91
CA TYR A 589 10.17 12.07 16.81
C TYR A 589 9.16 12.93 17.56
N GLN A 590 9.45 13.21 18.84
CA GLN A 590 8.54 13.99 19.68
C GLN A 590 8.23 15.36 19.10
N GLU A 591 9.23 15.99 18.48
CA GLU A 591 9.06 17.32 17.87
C GLU A 591 8.26 17.30 16.56
N HIS A 592 8.29 16.16 15.87
CA HIS A 592 7.65 16.02 14.55
C HIS A 592 6.28 15.33 14.58
N LYS A 593 6.03 14.61 15.67
CA LYS A 593 4.89 13.70 15.86
C LYS A 593 3.53 14.30 15.47
N ALA A 594 3.27 15.53 15.92
CA ALA A 594 1.98 16.21 15.66
C ALA A 594 1.72 16.49 14.18
N SER A 595 2.79 16.72 13.42
CA SER A 595 2.64 16.99 12.00
C SER A 595 2.94 15.77 11.12
N MET A 596 3.03 14.59 11.74
CA MET A 596 3.23 13.34 10.99
C MET A 596 1.87 12.74 10.57
N HIS A 597 1.90 11.81 9.62
CA HIS A 597 0.72 11.01 9.28
C HIS A 597 0.31 10.22 10.54
N PRO A 598 -1.01 10.12 10.85
CA PRO A 598 -1.44 9.41 12.06
C PRO A 598 -0.94 7.96 12.20
N VAL A 599 -0.96 7.19 11.12
CA VAL A 599 -0.51 5.79 11.17
C VAL A 599 1.01 5.72 11.41
N THR A 600 1.77 6.49 10.62
CA THR A 600 3.21 6.57 10.78
C THR A 600 3.60 7.01 12.19
N ALA A 601 2.94 8.05 12.70
CA ALA A 601 3.18 8.54 14.06
C ALA A 601 3.00 7.41 15.06
N MET A 602 1.88 6.69 14.92
CA MET A 602 1.60 5.60 15.85
C MET A 602 2.70 4.51 15.83
N LEU A 603 3.12 4.11 14.65
CA LEU A 603 4.04 2.97 14.51
C LEU A 603 5.47 3.32 14.92
N VAL A 604 5.93 4.50 14.52
CA VAL A 604 7.24 5.00 14.96
C VAL A 604 7.29 5.13 16.50
N GLY A 605 6.22 5.66 17.10
CA GLY A 605 6.07 5.69 18.56
C GLY A 605 6.24 4.33 19.22
N LYS A 606 5.55 3.33 18.70
CA LYS A 606 5.69 1.95 19.18
C LYS A 606 7.12 1.42 18.96
N ASP A 607 7.66 1.65 17.77
CA ASP A 607 9.03 1.24 17.43
C ASP A 607 10.04 1.77 18.46
N LEU A 608 9.90 3.05 18.80
CA LEU A 608 10.80 3.75 19.69
C LEU A 608 10.50 3.56 21.19
N LYS A 609 9.42 2.82 21.48
CA LYS A 609 8.90 2.67 22.86
C LYS A 609 8.67 4.02 23.56
N VAL A 610 8.04 4.95 22.83
CA VAL A 610 7.66 6.25 23.38
C VAL A 610 6.15 6.48 23.31
N ASP A 611 5.64 7.35 24.18
CA ASP A 611 4.20 7.50 24.48
C ASP A 611 3.49 6.17 24.73
#